data_3FZG
#
_entry.id   3FZG
#
_cell.length_a   74.110
_cell.length_b   90.080
_cell.length_c   65.940
_cell.angle_alpha   90.00
_cell.angle_beta   90.00
_cell.angle_gamma   90.00
#
_symmetry.space_group_name_H-M   'C 2 2 21'
#
loop_
_entity.id
_entity.type
_entity.pdbx_description
1 polymer '16S rRNA methylase'
2 non-polymer S-ADENOSYLMETHIONINE
3 water water
#
_entity_poly.entity_id   1
_entity_poly.type   'polypeptide(L)'
_entity_poly.pdbx_seq_one_letter_code
;AYPNWDKLLKKYNQGQLSIEDLLKIHSSTNERVATLNDFYTYVFGNIKHVSSILDFGCGFNPLALYQWNENEKIIYHAYD
IDRAEIAFLSSIIGKLKTTIKYRFLNKESDVYKGTYDVVFLLKMLPVLKQQDVNILDFLQLFHTQNFVISFPIKSLSGKE
KGMEENYQLWFESFTKGWIKILDSKVIGNELVYITSGFQK
;
_entity_poly.pdbx_strand_id   A
#
# COMPACT_ATOMS: atom_id res chain seq x y z
N ALA A 1 -14.72 -2.07 14.67
CA ALA A 1 -13.94 -2.46 15.89
C ALA A 1 -12.61 -3.07 15.47
N TYR A 2 -11.59 -2.92 16.32
CA TYR A 2 -10.28 -3.47 16.01
C TYR A 2 -10.45 -4.99 15.90
N PRO A 3 -9.92 -5.59 14.82
CA PRO A 3 -10.05 -7.04 14.65
C PRO A 3 -9.35 -7.94 15.66
N ASN A 4 -10.00 -9.05 15.98
CA ASN A 4 -9.47 -10.05 16.90
C ASN A 4 -8.71 -11.03 16.02
N TRP A 5 -7.43 -10.76 15.81
CA TRP A 5 -6.58 -11.59 14.95
C TRP A 5 -6.60 -13.09 15.26
N ASP A 6 -6.39 -13.44 16.52
CA ASP A 6 -6.39 -14.85 16.92
C ASP A 6 -7.71 -15.54 16.56
N LYS A 7 -8.82 -14.85 16.76
CA LYS A 7 -10.13 -15.40 16.46
C LYS A 7 -10.36 -15.49 14.95
N LEU A 8 -9.90 -14.48 14.22
CA LEU A 8 -10.05 -14.49 12.76
C LEU A 8 -9.25 -15.62 12.14
N LEU A 9 -8.06 -15.88 12.71
CA LEU A 9 -7.20 -16.94 12.19
C LEU A 9 -7.87 -18.30 12.40
N LYS A 10 -8.54 -18.47 13.54
CA LYS A 10 -9.21 -19.73 13.83
C LYS A 10 -10.36 -19.95 12.86
N LYS A 11 -11.17 -18.92 12.64
CA LYS A 11 -12.30 -19.03 11.73
C LYS A 11 -11.80 -19.36 10.33
N TYR A 12 -10.72 -18.69 9.91
CA TYR A 12 -10.14 -18.93 8.60
C TYR A 12 -9.68 -20.39 8.49
N ASN A 13 -8.89 -20.84 9.45
CA ASN A 13 -8.40 -22.22 9.43
C ASN A 13 -9.53 -23.24 9.42
N GLN A 14 -10.70 -22.83 9.90
CA GLN A 14 -11.85 -23.71 9.94
C GLN A 14 -12.72 -23.59 8.71
N GLY A 15 -12.32 -22.74 7.77
CA GLY A 15 -13.08 -22.56 6.55
C GLY A 15 -14.28 -21.65 6.68
N GLN A 16 -14.38 -20.94 7.79
CA GLN A 16 -15.50 -20.03 8.03
C GLN A 16 -15.24 -18.65 7.43
N LEU A 17 -14.03 -18.43 6.94
CA LEU A 17 -13.65 -17.16 6.32
C LEU A 17 -12.80 -17.42 5.08
N SER A 18 -13.03 -16.64 4.03
CA SER A 18 -12.28 -16.76 2.78
C SER A 18 -11.35 -15.56 2.65
N ILE A 19 -10.50 -15.57 1.62
CA ILE A 19 -9.60 -14.44 1.41
C ILE A 19 -10.48 -13.24 1.07
N GLU A 20 -11.58 -13.51 0.36
CA GLU A 20 -12.51 -12.45 -0.02
C GLU A 20 -13.04 -11.78 1.24
N ASP A 21 -13.39 -12.57 2.25
CA ASP A 21 -13.89 -12.01 3.50
C ASP A 21 -12.80 -11.16 4.13
N LEU A 22 -11.58 -11.70 4.18
CA LEU A 22 -10.46 -10.99 4.78
C LEU A 22 -10.19 -9.63 4.13
N LEU A 23 -10.28 -9.57 2.81
CA LEU A 23 -10.04 -8.33 2.08
C LEU A 23 -11.05 -7.22 2.43
N LYS A 24 -12.17 -7.60 3.03
CA LYS A 24 -13.18 -6.61 3.40
C LYS A 24 -12.93 -6.03 4.80
N ILE A 25 -12.07 -6.69 5.58
CA ILE A 25 -11.78 -6.24 6.94
C ILE A 25 -11.16 -4.85 7.05
N HIS A 26 -10.09 -4.60 6.30
CA HIS A 26 -9.44 -3.29 6.35
C HIS A 26 -10.07 -2.38 5.29
N SER A 27 -10.69 -1.29 5.72
CA SER A 27 -11.37 -0.38 4.79
C SER A 27 -10.52 0.07 3.60
N SER A 28 -9.23 0.30 3.80
CA SER A 28 -8.39 0.76 2.69
C SER A 28 -8.29 -0.30 1.59
N THR A 29 -8.26 -1.56 1.98
CA THR A 29 -8.20 -2.63 0.98
C THR A 29 -9.62 -2.92 0.49
N ASN A 30 -10.59 -2.82 1.39
CA ASN A 30 -11.99 -3.06 1.01
C ASN A 30 -12.38 -2.10 -0.11
N GLU A 31 -11.93 -0.86 -0.01
CA GLU A 31 -12.23 0.17 -1.00
C GLU A 31 -11.58 -0.10 -2.35
N ARG A 32 -10.50 -0.89 -2.35
CA ARG A 32 -9.75 -1.19 -3.57
C ARG A 32 -10.20 -2.47 -4.29
N VAL A 33 -10.90 -3.34 -3.58
CA VAL A 33 -11.34 -4.60 -4.17
C VAL A 33 -12.05 -4.46 -5.52
N ALA A 34 -12.99 -3.53 -5.64
CA ALA A 34 -13.72 -3.34 -6.88
C ALA A 34 -12.84 -2.98 -8.08
N THR A 35 -11.67 -2.41 -7.82
CA THR A 35 -10.77 -2.03 -8.90
C THR A 35 -9.39 -2.66 -8.73
N LEU A 36 -9.34 -3.81 -8.09
CA LEU A 36 -8.08 -4.49 -7.83
C LEU A 36 -7.26 -4.72 -9.10
N ASN A 37 -7.87 -5.32 -10.12
CA ASN A 37 -7.16 -5.58 -11.36
C ASN A 37 -6.74 -4.28 -12.05
N ASP A 38 -7.63 -3.29 -12.10
CA ASP A 38 -7.31 -2.01 -12.74
C ASP A 38 -6.15 -1.32 -12.05
N PHE A 39 -6.12 -1.41 -10.71
CA PHE A 39 -5.04 -0.78 -9.93
C PHE A 39 -3.68 -1.34 -10.29
N TYR A 40 -3.52 -2.66 -10.18
CA TYR A 40 -2.25 -3.27 -10.48
C TYR A 40 -1.87 -3.25 -11.95
N THR A 41 -2.87 -3.27 -12.83
CA THR A 41 -2.58 -3.21 -14.27
C THR A 41 -1.99 -1.84 -14.56
N TYR A 42 -2.55 -0.81 -13.89
CA TYR A 42 -2.07 0.56 -14.06
C TYR A 42 -0.66 0.74 -13.54
N VAL A 43 -0.41 0.26 -12.33
CA VAL A 43 0.90 0.37 -11.69
C VAL A 43 2.02 -0.29 -12.48
N PHE A 44 1.86 -1.59 -12.75
CA PHE A 44 2.89 -2.31 -13.49
C PHE A 44 2.94 -1.93 -14.96
N GLY A 45 1.86 -1.31 -15.43
CA GLY A 45 1.81 -0.88 -16.81
C GLY A 45 2.58 0.41 -17.01
N ASN A 46 2.76 1.17 -15.94
CA ASN A 46 3.47 2.44 -16.01
C ASN A 46 4.84 2.40 -15.34
N ILE A 47 5.16 1.27 -14.73
CA ILE A 47 6.45 1.11 -14.08
C ILE A 47 7.05 -0.14 -14.67
N LYS A 48 8.01 0.07 -15.57
CA LYS A 48 8.68 -1.03 -16.24
C LYS A 48 9.41 -1.90 -15.26
N HIS A 49 9.27 -3.20 -15.47
CA HIS A 49 9.84 -4.28 -14.64
C HIS A 49 10.25 -4.08 -13.20
N VAL A 50 9.32 -4.41 -12.33
CA VAL A 50 9.51 -4.34 -10.90
C VAL A 50 9.99 -5.70 -10.43
N SER A 51 11.07 -5.71 -9.65
CA SER A 51 11.62 -6.95 -9.14
C SER A 51 11.48 -6.89 -7.62
N SER A 52 11.43 -5.68 -7.08
CA SER A 52 11.30 -5.51 -5.64
C SER A 52 10.36 -4.35 -5.31
N ILE A 53 9.56 -4.55 -4.28
CA ILE A 53 8.60 -3.56 -3.83
C ILE A 53 8.62 -3.41 -2.31
N LEU A 54 8.47 -2.18 -1.84
CA LEU A 54 8.36 -1.93 -0.42
C LEU A 54 6.98 -1.31 -0.27
N ASP A 55 6.10 -1.95 0.50
CA ASP A 55 4.76 -1.43 0.75
C ASP A 55 4.77 -0.85 2.15
N PHE A 56 4.95 0.47 2.25
CA PHE A 56 5.02 1.15 3.54
C PHE A 56 3.62 1.46 4.08
N GLY A 57 3.31 0.96 5.27
CA GLY A 57 1.98 1.16 5.83
C GLY A 57 1.05 0.30 4.98
N CYS A 58 1.51 -0.91 4.69
CA CYS A 58 0.81 -1.86 3.82
C CYS A 58 -0.62 -2.24 4.10
N GLY A 59 -1.01 -2.30 5.38
CA GLY A 59 -2.37 -2.70 5.70
C GLY A 59 -2.60 -4.12 5.19
N PHE A 60 -3.75 -4.37 4.57
CA PHE A 60 -4.06 -5.69 4.05
C PHE A 60 -3.66 -5.88 2.59
N ASN A 61 -2.97 -4.90 2.02
CA ASN A 61 -2.56 -5.01 0.62
C ASN A 61 -1.75 -6.28 0.34
N PRO A 62 -0.96 -6.77 1.32
CA PRO A 62 -0.20 -7.99 1.03
C PRO A 62 -1.12 -9.10 0.52
N LEU A 63 -2.30 -9.18 1.12
CA LEU A 63 -3.30 -10.17 0.76
C LEU A 63 -3.91 -9.86 -0.61
N ALA A 64 -4.14 -8.58 -0.88
CA ALA A 64 -4.72 -8.16 -2.15
C ALA A 64 -3.78 -8.49 -3.30
N LEU A 65 -2.48 -8.29 -3.07
CA LEU A 65 -1.48 -8.59 -4.08
C LEU A 65 -1.50 -10.09 -4.37
N TYR A 66 -1.64 -10.89 -3.31
CA TYR A 66 -1.71 -12.34 -3.48
C TYR A 66 -2.91 -12.67 -4.38
N GLN A 67 -4.04 -12.04 -4.08
CA GLN A 67 -5.27 -12.29 -4.84
C GLN A 67 -5.13 -11.91 -6.31
N TRP A 68 -4.48 -10.78 -6.57
CA TRP A 68 -4.31 -10.31 -7.94
C TRP A 68 -3.23 -11.05 -8.74
N ASN A 69 -2.12 -11.35 -8.08
CA ASN A 69 -1.01 -12.00 -8.75
C ASN A 69 -1.29 -13.37 -9.37
N GLU A 70 -0.64 -13.62 -10.49
CA GLU A 70 -0.75 -14.90 -11.17
C GLU A 70 0.64 -15.53 -11.11
N ASN A 71 1.61 -14.89 -11.76
CA ASN A 71 2.97 -15.43 -11.77
C ASN A 71 4.08 -14.37 -11.84
N GLU A 72 3.89 -13.24 -11.17
CA GLU A 72 4.93 -12.22 -11.19
C GLU A 72 6.13 -12.67 -10.35
N LYS A 73 7.32 -12.24 -10.73
CA LYS A 73 8.54 -12.57 -10.00
C LYS A 73 8.92 -11.31 -9.25
N ILE A 74 8.46 -11.20 -8.01
CA ILE A 74 8.73 -10.03 -7.20
C ILE A 74 9.02 -10.34 -5.75
N ILE A 75 9.95 -9.59 -5.17
CA ILE A 75 10.27 -9.72 -3.75
C ILE A 75 9.51 -8.55 -3.15
N TYR A 76 8.46 -8.88 -2.41
CA TYR A 76 7.58 -7.88 -1.82
C TYR A 76 7.83 -7.72 -0.31
N HIS A 77 8.27 -6.53 0.08
CA HIS A 77 8.55 -6.22 1.48
C HIS A 77 7.37 -5.45 2.07
N ALA A 78 6.77 -5.99 3.12
CA ALA A 78 5.62 -5.37 3.75
C ALA A 78 5.92 -4.83 5.14
N TYR A 79 5.56 -3.56 5.37
CA TYR A 79 5.77 -2.94 6.67
C TYR A 79 4.56 -2.10 7.10
N ASP A 80 4.16 -2.27 8.35
CA ASP A 80 3.05 -1.50 8.90
C ASP A 80 3.32 -1.36 10.39
N ILE A 81 2.94 -0.22 10.95
CA ILE A 81 3.17 0.04 12.36
C ILE A 81 2.38 -0.92 13.26
N ASP A 82 1.29 -1.48 12.73
CA ASP A 82 0.49 -2.43 13.49
C ASP A 82 1.16 -3.80 13.44
N ARG A 83 1.96 -4.11 14.44
CA ARG A 83 2.67 -5.39 14.52
C ARG A 83 1.78 -6.63 14.53
N ALA A 84 0.69 -6.60 15.28
CA ALA A 84 -0.20 -7.74 15.37
C ALA A 84 -0.82 -8.03 14.01
N GLU A 85 -1.17 -6.97 13.28
CA GLU A 85 -1.76 -7.13 11.96
C GLU A 85 -0.76 -7.81 11.03
N ILE A 86 0.51 -7.42 11.15
CA ILE A 86 1.56 -8.00 10.33
C ILE A 86 1.70 -9.48 10.66
N ALA A 87 1.65 -9.80 11.95
CA ALA A 87 1.77 -11.19 12.40
C ALA A 87 0.65 -12.04 11.81
N PHE A 88 -0.57 -11.49 11.83
CA PHE A 88 -1.72 -12.19 11.28
C PHE A 88 -1.51 -12.44 9.79
N LEU A 89 -1.18 -11.38 9.05
CA LEU A 89 -0.97 -11.50 7.61
C LEU A 89 0.11 -12.52 7.27
N SER A 90 1.20 -12.51 8.05
CA SER A 90 2.30 -13.44 7.81
C SER A 90 1.84 -14.88 8.02
N SER A 91 0.96 -15.10 8.98
CA SER A 91 0.46 -16.45 9.25
C SER A 91 -0.42 -16.95 8.10
N ILE A 92 -1.28 -16.06 7.59
CA ILE A 92 -2.16 -16.43 6.49
C ILE A 92 -1.36 -16.67 5.19
N ILE A 93 -0.57 -15.68 4.80
CA ILE A 93 0.21 -15.80 3.58
C ILE A 93 1.20 -16.94 3.63
N GLY A 94 1.67 -17.28 4.82
CA GLY A 94 2.61 -18.38 4.95
C GLY A 94 1.93 -19.68 4.58
N LYS A 95 0.60 -19.69 4.66
CA LYS A 95 -0.18 -20.89 4.34
C LYS A 95 -0.41 -21.02 2.84
N LEU A 96 -0.32 -19.90 2.12
CA LEU A 96 -0.56 -19.83 0.68
C LEU A 96 0.59 -20.19 -0.26
N LYS A 97 0.23 -20.45 -1.52
CA LYS A 97 1.18 -20.78 -2.58
C LYS A 97 1.19 -19.62 -3.57
N THR A 98 2.33 -18.96 -3.74
CA THR A 98 2.43 -17.83 -4.64
C THR A 98 3.84 -17.57 -5.16
N THR A 99 3.93 -17.02 -6.37
CA THR A 99 5.23 -16.74 -6.96
C THR A 99 5.90 -15.53 -6.30
N ILE A 100 5.11 -14.62 -5.73
CA ILE A 100 5.70 -13.46 -5.09
C ILE A 100 6.39 -13.88 -3.78
N LYS A 101 7.56 -13.33 -3.52
CA LYS A 101 8.28 -13.65 -2.28
C LYS A 101 8.00 -12.57 -1.26
N TYR A 102 7.31 -12.95 -0.18
CA TYR A 102 6.96 -12.00 0.87
C TYR A 102 8.00 -11.87 1.98
N ARG A 103 8.24 -10.64 2.39
CA ARG A 103 9.16 -10.36 3.48
C ARG A 103 8.47 -9.34 4.38
N PHE A 104 8.06 -9.79 5.56
CA PHE A 104 7.38 -8.92 6.50
C PHE A 104 8.39 -8.28 7.44
N LEU A 105 8.47 -6.95 7.39
CA LEU A 105 9.39 -6.20 8.21
C LEU A 105 8.71 -5.77 9.51
N ASN A 106 9.47 -5.80 10.60
CA ASN A 106 8.96 -5.41 11.90
C ASN A 106 9.75 -4.27 12.52
N LYS A 107 10.95 -4.04 11.98
CA LYS A 107 11.81 -2.97 12.49
C LYS A 107 11.82 -1.82 11.50
N GLU A 108 11.28 -0.67 11.90
CA GLU A 108 11.25 0.48 11.00
C GLU A 108 12.63 0.83 10.46
N SER A 109 13.63 0.78 11.34
CA SER A 109 14.99 1.12 10.92
C SER A 109 15.48 0.26 9.75
N ASP A 110 15.01 -0.98 9.67
CA ASP A 110 15.42 -1.86 8.58
C ASP A 110 14.79 -1.43 7.27
N VAL A 111 13.58 -0.87 7.36
CA VAL A 111 12.87 -0.44 6.17
C VAL A 111 13.65 0.48 5.25
N TYR A 112 14.19 1.56 5.81
CA TYR A 112 14.92 2.54 5.02
C TYR A 112 16.29 2.10 4.51
N LYS A 113 16.77 0.96 4.98
CA LYS A 113 18.09 0.47 4.56
C LYS A 113 18.04 -0.36 3.28
N GLY A 114 16.86 -0.81 2.88
CA GLY A 114 16.76 -1.62 1.68
C GLY A 114 16.74 -0.83 0.38
N THR A 115 16.92 -1.53 -0.74
CA THR A 115 16.89 -0.92 -2.06
C THR A 115 15.69 -1.52 -2.76
N TYR A 116 14.76 -0.68 -3.21
CA TYR A 116 13.55 -1.17 -3.87
C TYR A 116 13.31 -0.49 -5.21
N ASP A 117 12.86 -1.27 -6.20
CA ASP A 117 12.56 -0.70 -7.50
C ASP A 117 11.43 0.30 -7.33
N VAL A 118 10.46 -0.04 -6.48
CA VAL A 118 9.34 0.86 -6.23
C VAL A 118 8.86 0.82 -4.78
N VAL A 119 8.36 1.94 -4.29
CA VAL A 119 7.84 2.03 -2.94
C VAL A 119 6.37 2.42 -3.00
N PHE A 120 5.50 1.64 -2.37
CA PHE A 120 4.06 1.94 -2.34
C PHE A 120 3.74 2.75 -1.09
N LEU A 121 3.04 3.86 -1.29
CA LEU A 121 2.58 4.72 -0.20
C LEU A 121 1.12 4.98 -0.55
N LEU A 122 0.31 3.93 -0.39
CA LEU A 122 -1.10 3.97 -0.73
C LEU A 122 -1.94 4.53 0.43
N LYS A 123 -2.61 5.65 0.17
CA LYS A 123 -3.44 6.29 1.17
C LYS A 123 -2.62 6.45 2.46
N MET A 124 -1.38 6.92 2.29
CA MET A 124 -0.46 7.10 3.41
C MET A 124 -0.04 8.53 3.73
N LEU A 125 0.18 9.35 2.71
CA LEU A 125 0.62 10.71 2.96
C LEU A 125 -0.28 11.50 3.91
N PRO A 126 -1.61 11.38 3.78
CA PRO A 126 -2.45 12.13 4.71
C PRO A 126 -2.22 11.67 6.15
N VAL A 127 -2.13 10.36 6.34
CA VAL A 127 -1.90 9.79 7.66
C VAL A 127 -0.59 10.29 8.27
N LEU A 128 0.48 10.24 7.50
CA LEU A 128 1.79 10.68 7.97
C LEU A 128 1.81 12.19 8.24
N LYS A 129 1.23 12.95 7.33
CA LYS A 129 1.15 14.41 7.47
C LYS A 129 0.52 14.74 8.81
N GLN A 130 -0.54 14.01 9.12
CA GLN A 130 -1.28 14.17 10.35
C GLN A 130 -0.39 13.92 11.56
N GLN A 131 0.54 12.99 11.41
CA GLN A 131 1.46 12.65 12.47
C GLN A 131 2.63 13.62 12.51
N ASP A 132 2.50 14.71 11.75
CA ASP A 132 3.52 15.75 11.69
C ASP A 132 4.83 15.30 11.08
N VAL A 133 4.76 14.34 10.16
CA VAL A 133 5.97 13.86 9.50
C VAL A 133 6.32 14.83 8.38
N ASN A 134 7.60 15.20 8.28
CA ASN A 134 8.04 16.08 7.21
C ASN A 134 8.07 15.17 5.99
N ILE A 135 7.02 15.24 5.17
CA ILE A 135 6.90 14.37 4.00
C ILE A 135 8.09 14.34 3.04
N LEU A 136 8.66 15.50 2.73
CA LEU A 136 9.80 15.52 1.82
C LEU A 136 11.01 14.80 2.39
N ASP A 137 11.31 15.05 3.65
CA ASP A 137 12.44 14.39 4.30
C ASP A 137 12.16 12.88 4.30
N PHE A 138 10.91 12.54 4.60
CA PHE A 138 10.48 11.14 4.63
C PHE A 138 10.72 10.44 3.30
N LEU A 139 10.30 11.08 2.22
CA LEU A 139 10.46 10.50 0.89
C LEU A 139 11.93 10.31 0.52
N GLN A 140 12.80 11.15 1.05
CA GLN A 140 14.23 11.06 0.76
C GLN A 140 14.89 9.86 1.43
N LEU A 141 14.20 9.25 2.38
CA LEU A 141 14.74 8.09 3.10
C LEU A 141 14.78 6.82 2.25
N PHE A 142 14.01 6.80 1.18
CA PHE A 142 13.95 5.59 0.35
C PHE A 142 14.91 5.52 -0.83
N HIS A 143 15.64 4.42 -0.92
CA HIS A 143 16.55 4.21 -2.03
C HIS A 143 15.69 3.47 -3.05
N THR A 144 14.88 4.22 -3.79
CA THR A 144 13.99 3.64 -4.79
C THR A 144 14.00 4.47 -6.06
N GLN A 145 13.57 3.88 -7.17
CA GLN A 145 13.54 4.57 -8.45
C GLN A 145 12.16 5.13 -8.77
N ASN A 146 11.13 4.61 -8.08
CA ASN A 146 9.77 5.07 -8.31
C ASN A 146 8.90 4.94 -7.06
N PHE A 147 7.87 5.76 -7.00
CA PHE A 147 6.91 5.72 -5.90
C PHE A 147 5.53 5.56 -6.52
N VAL A 148 4.63 4.94 -5.77
CA VAL A 148 3.24 4.83 -6.17
C VAL A 148 2.60 5.50 -4.96
N ILE A 149 2.11 6.71 -5.17
CA ILE A 149 1.51 7.50 -4.08
C ILE A 149 0.04 7.72 -4.40
N SER A 150 -0.85 7.32 -3.49
CA SER A 150 -2.27 7.46 -3.73
C SER A 150 -3.03 8.18 -2.62
N PHE A 151 -4.19 8.73 -2.99
CA PHE A 151 -5.04 9.44 -2.04
C PHE A 151 -6.49 8.97 -2.20
N PRO A 152 -7.22 8.89 -1.08
CA PRO A 152 -8.61 8.47 -1.19
C PRO A 152 -9.39 9.63 -1.80
N ILE A 153 -10.41 9.32 -2.59
CA ILE A 153 -11.25 10.34 -3.18
C ILE A 153 -12.53 10.28 -2.35
N LYS A 154 -12.70 11.26 -1.46
CA LYS A 154 -13.85 11.29 -0.58
C LYS A 154 -15.14 11.73 -1.24
N SER A 155 -16.27 11.30 -0.66
CA SER A 155 -17.57 11.66 -1.18
C SER A 155 -17.67 13.18 -1.27
N LEU A 156 -18.28 13.68 -2.32
CA LEU A 156 -18.43 15.12 -2.51
C LEU A 156 -19.54 15.71 -1.64
N SER A 157 -20.30 14.84 -0.98
CA SER A 157 -21.38 15.32 -0.12
C SER A 157 -20.99 15.38 1.36
N GLU A 160 -16.12 18.22 7.22
CA GLU A 160 -17.26 18.93 6.67
C GLU A 160 -16.92 20.40 6.50
N LYS A 161 -17.17 21.18 7.55
CA LYS A 161 -16.87 22.61 7.51
C LYS A 161 -15.49 22.89 8.11
N GLY A 162 -14.70 23.68 7.40
CA GLY A 162 -13.37 24.02 7.87
C GLY A 162 -12.31 22.95 7.67
N MET A 163 -12.63 21.93 6.87
CA MET A 163 -11.67 20.85 6.61
C MET A 163 -11.43 20.63 5.12
N GLU A 164 -10.55 21.46 4.55
CA GLU A 164 -10.21 21.46 3.13
C GLU A 164 -9.86 20.12 2.48
N GLU A 165 -8.66 19.63 2.77
CA GLU A 165 -8.20 18.36 2.23
C GLU A 165 -8.24 18.21 0.71
N ASN A 166 -7.60 19.10 -0.03
CA ASN A 166 -7.53 18.96 -1.48
C ASN A 166 -6.15 18.33 -1.68
N TYR A 167 -6.08 17.01 -1.47
CA TYR A 167 -4.81 16.29 -1.59
C TYR A 167 -4.11 16.52 -2.92
N GLN A 168 -4.87 16.51 -4.01
CA GLN A 168 -4.30 16.71 -5.33
C GLN A 168 -3.54 18.03 -5.42
N LEU A 169 -4.17 19.11 -4.99
CA LEU A 169 -3.52 20.41 -5.03
C LEU A 169 -2.31 20.42 -4.11
N TRP A 170 -2.48 19.90 -2.89
CA TRP A 170 -1.40 19.85 -1.91
C TRP A 170 -0.18 19.09 -2.43
N PHE A 171 -0.40 17.88 -2.91
CA PHE A 171 0.68 17.02 -3.41
C PHE A 171 1.43 17.61 -4.61
N GLU A 172 0.70 17.90 -5.68
CA GLU A 172 1.31 18.43 -6.90
C GLU A 172 1.96 19.78 -6.65
N SER A 173 1.70 20.35 -5.48
CA SER A 173 2.25 21.63 -5.11
C SER A 173 3.56 21.50 -4.34
N PHE A 174 3.59 20.69 -3.28
CA PHE A 174 4.81 20.60 -2.49
C PHE A 174 5.92 19.71 -3.04
N THR A 175 5.57 18.88 -4.03
CA THR A 175 6.55 18.00 -4.65
C THR A 175 7.23 18.72 -5.82
N LYS A 176 6.74 19.91 -6.17
CA LYS A 176 7.30 20.73 -7.25
C LYS A 176 8.83 20.74 -7.26
N GLY A 177 9.39 20.21 -8.34
CA GLY A 177 10.84 20.15 -8.49
C GLY A 177 11.64 19.13 -7.71
N TRP A 178 10.99 18.32 -6.85
CA TRP A 178 11.71 17.31 -6.09
C TRP A 178 11.57 15.99 -6.83
N ILE A 179 10.33 15.52 -6.94
CA ILE A 179 10.07 14.28 -7.66
C ILE A 179 9.23 14.65 -8.87
N LYS A 180 9.38 13.87 -9.95
CA LYS A 180 8.63 14.13 -11.16
C LYS A 180 7.43 13.22 -11.25
N ILE A 181 6.26 13.80 -11.50
CA ILE A 181 5.04 13.01 -11.62
C ILE A 181 4.99 12.49 -13.05
N LEU A 182 5.08 11.17 -13.19
CA LEU A 182 5.07 10.53 -14.50
C LEU A 182 3.68 10.33 -15.06
N ASP A 183 2.71 10.14 -14.17
CA ASP A 183 1.34 9.92 -14.60
C ASP A 183 0.45 9.83 -13.36
N SER A 184 -0.84 10.03 -13.56
CA SER A 184 -1.78 9.97 -12.45
C SER A 184 -3.11 9.54 -13.03
N LYS A 185 -3.93 8.88 -12.23
CA LYS A 185 -5.22 8.43 -12.71
C LYS A 185 -6.14 8.08 -11.56
N VAL A 186 -7.44 8.31 -11.78
CA VAL A 186 -8.46 7.98 -10.80
C VAL A 186 -8.83 6.52 -11.04
N ILE A 187 -8.55 5.68 -10.05
CA ILE A 187 -8.87 4.26 -10.15
C ILE A 187 -9.91 3.98 -9.08
N GLY A 188 -11.18 4.04 -9.47
CA GLY A 188 -12.24 3.81 -8.49
C GLY A 188 -12.29 5.00 -7.55
N ASN A 189 -12.25 4.74 -6.25
CA ASN A 189 -12.31 5.79 -5.24
C ASN A 189 -10.91 6.24 -4.80
N GLU A 190 -9.91 5.99 -5.64
CA GLU A 190 -8.53 6.31 -5.31
C GLU A 190 -7.77 7.04 -6.42
N LEU A 191 -7.10 8.13 -6.05
CA LEU A 191 -6.29 8.91 -6.99
C LEU A 191 -4.87 8.37 -6.88
N VAL A 192 -4.38 7.76 -7.95
CA VAL A 192 -3.06 7.16 -7.94
C VAL A 192 -2.00 7.93 -8.72
N TYR A 193 -0.88 8.23 -8.06
CA TYR A 193 0.23 8.93 -8.71
C TYR A 193 1.42 7.98 -8.89
N ILE A 194 2.06 8.08 -10.04
CA ILE A 194 3.25 7.31 -10.34
C ILE A 194 4.31 8.39 -10.47
N THR A 195 5.34 8.33 -9.65
CA THR A 195 6.39 9.34 -9.68
C THR A 195 7.78 8.75 -9.73
N SER A 196 8.77 9.62 -9.94
CA SER A 196 10.16 9.22 -9.97
C SER A 196 10.62 9.24 -8.51
N GLY A 197 11.92 9.35 -8.30
CA GLY A 197 12.43 9.33 -6.94
C GLY A 197 12.82 10.61 -6.21
N PHE A 198 13.43 10.41 -5.03
CA PHE A 198 13.91 11.43 -4.08
C PHE A 198 12.89 12.42 -3.54
#